data_4NV7
#
_entry.id   4NV7
#
_cell.length_a   53.500
_cell.length_b   114.860
_cell.length_c   115.610
_cell.angle_alpha   90.00
_cell.angle_beta   90.00
_cell.angle_gamma   90.00
#
_symmetry.space_group_name_H-M   'P 21 21 21'
#
loop_
_entity.id
_entity.type
_entity.pdbx_description
1 polymer 'Arylamine N-acetyltransferase'
2 non-polymer 'COENZYME A'
3 water water
#
_entity_poly.entity_id   1
_entity_poly.type   'polypeptide(L)'
_entity_poly.pdbx_seq_one_letter_code
;MGSSHHHHHHSSGLVPRGSHMASNTGGQQMGRGSMNDAPPFDLDAYLARIGYTGPRNASLDTLKALHFAHPQAIPWENID
PFLGRPVRLDLAALQDKIVLGGRGGYCFEHNLLFMHALKALGFEVGGLAARVLWGQSEDAITARSHMLLRVELDGRTYIA
DVGFGGLTLTAPLLLEPGREQKTPHEPFRIVEADDHFRLQAAIGGDWRSLYRFDLQPQYEVDYSVTNYFLSTSPTSHFLS
SVIAARAAPDRRYALRGNRLSIHHLGGRTEQTEIATAADLADTLQGLLGIIIPDRTAFEAKVRETKIVETNA
;
_entity_poly.pdbx_strand_id   A,B
#
# COMPACT_ATOMS: atom_id res chain seq x y z
N PRO A 39 25.25 -3.09 9.10
CA PRO A 39 25.97 -1.92 8.58
C PRO A 39 25.17 -0.62 8.83
N PRO A 40 25.85 0.44 9.32
CA PRO A 40 25.13 1.64 9.69
C PRO A 40 24.98 2.63 8.54
N PHE A 41 24.23 3.68 8.78
CA PHE A 41 24.13 4.78 7.83
C PHE A 41 25.41 5.60 7.81
N ASP A 42 25.96 5.85 6.62
CA ASP A 42 27.18 6.64 6.52
C ASP A 42 26.87 8.13 6.32
N LEU A 43 26.83 8.87 7.43
CA LEU A 43 26.40 10.26 7.42
C LEU A 43 27.42 11.14 6.70
N ASP A 44 28.72 10.92 6.95
CA ASP A 44 29.76 11.68 6.27
C ASP A 44 29.58 11.59 4.76
N ALA A 45 29.37 10.39 4.25
CA ALA A 45 29.30 10.19 2.81
C ALA A 45 28.05 10.86 2.27
N TYR A 46 26.96 10.78 3.00
CA TYR A 46 25.72 11.44 2.57
C TYR A 46 25.88 12.96 2.48
N LEU A 47 26.47 13.55 3.51
CA LEU A 47 26.62 14.99 3.53
C LEU A 47 27.60 15.44 2.43
N ALA A 48 28.60 14.61 2.16
CA ALA A 48 29.54 14.90 1.05
C ALA A 48 28.80 14.82 -0.28
N ARG A 49 27.91 13.85 -0.43
CA ARG A 49 27.09 13.72 -1.63
C ARG A 49 26.23 14.95 -1.93
N ILE A 50 25.68 15.57 -0.88
CA ILE A 50 24.88 16.78 -1.05
C ILE A 50 25.67 18.08 -0.92
N GLY A 51 26.95 17.97 -0.56
CA GLY A 51 27.85 19.13 -0.46
C GLY A 51 27.62 19.95 0.80
N TYR A 52 27.19 19.31 1.89
CA TYR A 52 26.91 20.04 3.13
C TYR A 52 28.14 20.01 4.01
N THR A 53 28.66 21.20 4.32
CA THR A 53 29.85 21.34 5.13
C THR A 53 29.57 22.13 6.40
N GLY A 54 28.29 22.32 6.72
CA GLY A 54 27.88 23.07 7.90
C GLY A 54 27.91 22.27 9.19
N PRO A 55 27.47 22.88 10.29
CA PRO A 55 27.38 22.21 11.58
C PRO A 55 26.49 20.95 11.52
N ARG A 56 26.86 19.95 12.32
CA ARG A 56 26.09 18.73 12.45
C ARG A 56 25.34 18.73 13.77
N ASN A 57 24.07 19.10 13.71
CA ASN A 57 23.21 19.17 14.88
C ASN A 57 21.75 19.05 14.44
N ALA A 58 20.83 19.08 15.39
CA ALA A 58 19.42 18.90 15.10
C ALA A 58 18.65 20.21 15.15
N SER A 59 19.26 21.28 14.65
CA SER A 59 18.64 22.60 14.64
C SER A 59 17.77 22.80 13.41
N LEU A 60 16.84 23.73 13.52
CA LEU A 60 16.07 24.20 12.38
C LEU A 60 16.97 24.76 11.28
N ASP A 61 18.00 25.52 11.65
CA ASP A 61 18.95 26.04 10.67
C ASP A 61 19.56 24.90 9.83
N THR A 62 19.95 23.83 10.50
CA THR A 62 20.55 22.67 9.82
C THR A 62 19.50 21.98 8.94
N LEU A 63 18.26 21.86 9.43
CA LEU A 63 17.19 21.26 8.65
C LEU A 63 16.96 22.07 7.37
N LYS A 64 16.96 23.41 7.50
CA LYS A 64 16.79 24.28 6.35
C LYS A 64 17.95 24.13 5.36
N ALA A 65 19.17 24.00 5.85
CA ALA A 65 20.32 23.88 4.97
C ALA A 65 20.32 22.56 4.21
N LEU A 66 20.00 21.47 4.90
CA LEU A 66 19.92 20.16 4.26
C LEU A 66 18.76 20.08 3.25
N HIS A 67 17.64 20.70 3.61
CA HIS A 67 16.46 20.70 2.73
C HIS A 67 16.66 21.51 1.46
N PHE A 68 17.55 22.50 1.52
CA PHE A 68 17.92 23.31 0.35
C PHE A 68 18.89 22.55 -0.54
N ALA A 69 19.87 21.91 0.07
CA ALA A 69 20.97 21.28 -0.65
C ALA A 69 20.59 19.95 -1.30
N HIS A 70 19.90 19.09 -0.55
CA HIS A 70 19.56 17.74 -1.06
C HIS A 70 18.91 17.73 -2.44
N PRO A 71 17.79 18.44 -2.61
CA PRO A 71 17.15 18.44 -3.94
C PRO A 71 17.91 19.10 -5.08
N GLN A 72 18.99 19.83 -4.76
CA GLN A 72 19.90 20.36 -5.79
C GLN A 72 21.00 19.40 -6.17
N ALA A 73 21.43 18.61 -5.20
CA ALA A 73 22.54 17.71 -5.40
C ALA A 73 22.13 16.36 -5.97
N ILE A 74 20.94 15.89 -5.58
CA ILE A 74 20.44 14.58 -5.97
C ILE A 74 19.19 14.73 -6.81
N PRO A 75 19.25 14.31 -8.09
CA PRO A 75 18.10 14.50 -8.94
C PRO A 75 16.97 13.55 -8.62
N TRP A 76 15.79 13.97 -9.03
CA TRP A 76 14.62 13.13 -9.02
C TRP A 76 14.53 12.48 -10.40
N GLU A 77 14.42 11.16 -10.44
CA GLU A 77 14.36 10.46 -11.73
C GLU A 77 13.79 9.03 -11.55
N ASN A 78 13.33 8.48 -12.67
CA ASN A 78 12.81 7.11 -12.72
C ASN A 78 13.59 6.20 -13.69
N ILE A 79 14.92 6.36 -13.76
CA ILE A 79 15.73 5.59 -14.70
C ILE A 79 15.62 4.09 -14.44
N ASP A 80 15.72 3.65 -13.18
CA ASP A 80 15.64 2.20 -12.91
C ASP A 80 14.26 1.59 -13.21
N PRO A 81 13.18 2.19 -12.74
CA PRO A 81 11.87 1.69 -13.14
C PRO A 81 11.68 1.68 -14.66
N PHE A 82 12.08 2.75 -15.33
CA PHE A 82 11.99 2.82 -16.79
C PHE A 82 12.74 1.65 -17.46
N LEU A 83 13.93 1.35 -16.98
CA LEU A 83 14.75 0.27 -17.54
C LEU A 83 14.40 -1.13 -17.00
N GLY A 84 13.31 -1.23 -16.24
CA GLY A 84 12.93 -2.48 -15.58
C GLY A 84 13.88 -3.02 -14.52
N ARG A 85 14.63 -2.14 -13.86
CA ARG A 85 15.56 -2.58 -12.82
C ARG A 85 14.89 -2.36 -11.46
N PRO A 86 15.12 -3.27 -10.49
CA PRO A 86 14.41 -3.14 -9.21
C PRO A 86 14.85 -1.90 -8.46
N VAL A 87 13.92 -1.27 -7.77
CA VAL A 87 14.24 -0.17 -6.88
C VAL A 87 14.18 -0.71 -5.45
N ARG A 88 15.34 -0.67 -4.78
CA ARG A 88 15.52 -1.16 -3.44
C ARG A 88 15.47 -0.03 -2.43
N LEU A 89 14.72 -0.23 -1.36
CA LEU A 89 14.56 0.79 -0.34
C LEU A 89 15.36 0.50 0.94
N ASP A 90 15.92 -0.69 1.05
CA ASP A 90 16.71 -1.04 2.23
C ASP A 90 17.94 -0.18 2.25
N LEU A 91 18.36 0.17 3.46
CA LEU A 91 19.42 1.14 3.65
C LEU A 91 20.70 0.87 2.85
N ALA A 92 21.16 -0.38 2.87
CA ALA A 92 22.44 -0.73 2.26
C ALA A 92 22.42 -0.50 0.74
N ALA A 93 21.33 -0.93 0.10
CA ALA A 93 21.15 -0.74 -1.34
C ALA A 93 20.93 0.74 -1.68
N LEU A 94 20.13 1.42 -0.86
CA LEU A 94 19.76 2.81 -1.09
C LEU A 94 20.97 3.73 -1.07
N GLN A 95 21.84 3.56 -0.08
CA GLN A 95 23.02 4.40 0.00
C GLN A 95 24.11 3.98 -1.02
N ASP A 96 24.20 2.69 -1.38
CA ASP A 96 25.08 2.31 -2.51
C ASP A 96 24.71 2.99 -3.81
N LYS A 97 23.41 3.03 -4.09
CA LYS A 97 22.94 3.59 -5.34
C LYS A 97 23.13 5.11 -5.42
N ILE A 98 22.63 5.81 -4.41
CA ILE A 98 22.53 7.27 -4.47
C ILE A 98 23.78 7.94 -3.94
N VAL A 99 24.28 7.48 -2.80
CA VAL A 99 25.38 8.16 -2.14
C VAL A 99 26.74 7.73 -2.72
N LEU A 100 27.08 6.44 -2.63
CA LEU A 100 28.32 5.95 -3.26
C LEU A 100 28.24 5.98 -4.78
N GLY A 101 27.13 5.53 -5.34
CA GLY A 101 27.00 5.44 -6.79
C GLY A 101 26.72 6.75 -7.52
N GLY A 102 26.33 7.78 -6.79
CA GLY A 102 26.12 9.09 -7.36
C GLY A 102 24.89 9.22 -8.23
N ARG A 103 23.91 8.32 -8.05
CA ARG A 103 22.69 8.38 -8.87
C ARG A 103 21.59 9.11 -8.11
N GLY A 104 20.40 9.17 -8.70
CA GLY A 104 19.23 9.71 -8.01
C GLY A 104 18.16 8.68 -7.81
N GLY A 105 16.92 9.13 -7.75
CA GLY A 105 15.79 8.26 -7.52
C GLY A 105 14.51 9.04 -7.43
N TYR A 106 13.44 8.37 -7.02
CA TYR A 106 12.14 8.99 -6.89
C TYR A 106 11.72 9.09 -5.40
N CYS A 107 10.45 9.31 -5.08
CA CYS A 107 10.11 9.83 -3.74
C CYS A 107 10.56 8.99 -2.54
N PHE A 108 10.36 7.67 -2.61
CA PHE A 108 10.72 6.79 -1.50
C PHE A 108 12.21 6.75 -1.28
N GLU A 109 12.97 6.76 -2.37
CA GLU A 109 14.41 6.75 -2.28
C GLU A 109 14.94 8.02 -1.63
N HIS A 110 14.43 9.16 -2.09
CA HIS A 110 14.84 10.47 -1.57
C HIS A 110 14.51 10.64 -0.08
N ASN A 111 13.26 10.42 0.26
CA ASN A 111 12.79 10.68 1.61
C ASN A 111 13.17 9.64 2.65
N LEU A 112 13.35 8.39 2.25
CA LEU A 112 13.98 7.44 3.15
C LEU A 112 15.43 7.81 3.44
N LEU A 113 16.16 8.21 2.41
CA LEU A 113 17.52 8.61 2.57
C LEU A 113 17.58 9.83 3.51
N PHE A 114 16.75 10.81 3.23
CA PHE A 114 16.75 12.04 4.01
C PHE A 114 16.40 11.70 5.46
N MET A 115 15.43 10.83 5.68
CA MET A 115 15.06 10.43 7.04
C MET A 115 16.22 9.79 7.81
N HIS A 116 16.97 8.92 7.14
CA HIS A 116 18.15 8.30 7.71
C HIS A 116 19.17 9.37 8.12
N ALA A 117 19.38 10.37 7.28
CA ALA A 117 20.31 11.45 7.59
C ALA A 117 19.83 12.28 8.78
N LEU A 118 18.56 12.69 8.76
CA LEU A 118 17.98 13.47 9.84
C LEU A 118 18.05 12.73 11.17
N LYS A 119 17.74 11.43 11.17
CA LYS A 119 17.86 10.62 12.38
C LYS A 119 19.29 10.56 12.89
N ALA A 120 20.26 10.38 12.01
CA ALA A 120 21.65 10.33 12.40
C ALA A 120 22.11 11.67 13.01
N LEU A 121 21.54 12.77 12.54
CA LEU A 121 21.88 14.09 13.06
C LEU A 121 21.17 14.39 14.39
N GLY A 122 20.26 13.54 14.83
CA GLY A 122 19.53 13.75 16.09
C GLY A 122 18.09 14.27 15.98
N PHE A 123 17.55 14.46 14.78
CA PHE A 123 16.17 14.95 14.65
C PHE A 123 15.16 13.90 15.05
N GLU A 124 14.00 14.35 15.51
CA GLU A 124 12.89 13.46 15.75
C GLU A 124 12.05 13.47 14.48
N VAL A 125 12.04 12.35 13.76
CA VAL A 125 11.47 12.32 12.40
C VAL A 125 10.64 11.05 12.22
N GLY A 126 9.48 11.20 11.57
CA GLY A 126 8.63 10.07 11.25
C GLY A 126 8.21 10.14 9.78
N GLY A 127 7.87 8.97 9.24
CA GLY A 127 7.38 8.88 7.88
C GLY A 127 5.90 9.13 7.74
N LEU A 128 5.51 9.78 6.64
CA LEU A 128 4.12 9.98 6.26
C LEU A 128 3.90 9.53 4.80
N ALA A 129 2.64 9.43 4.39
CA ALA A 129 2.29 9.13 3.01
C ALA A 129 1.26 10.12 2.50
N ALA A 130 1.15 10.25 1.18
CA ALA A 130 0.25 11.22 0.59
C ALA A 130 -0.32 10.72 -0.73
N ARG A 131 -1.53 11.16 -1.05
CA ARG A 131 -2.16 10.92 -2.34
C ARG A 131 -1.82 12.10 -3.27
N VAL A 132 -1.31 11.81 -4.46
CA VAL A 132 -0.84 12.85 -5.37
C VAL A 132 -2.06 13.48 -6.07
N LEU A 133 -2.09 14.81 -6.08
CA LEU A 133 -3.14 15.57 -6.75
C LEU A 133 -2.59 16.20 -8.04
N TRP A 134 -1.31 16.57 -8.05
CA TRP A 134 -0.66 17.18 -9.23
C TRP A 134 -0.75 16.32 -10.48
N GLY A 135 -1.40 16.82 -11.52
CA GLY A 135 -1.55 16.08 -12.78
C GLY A 135 -2.49 14.89 -12.72
N GLN A 136 -3.42 14.88 -11.77
CA GLN A 136 -4.28 13.70 -11.49
C GLN A 136 -5.77 14.06 -11.51
N ASP A 139 -9.04 8.37 -9.83
CA ASP A 139 -9.25 9.72 -10.37
C ASP A 139 -9.76 10.68 -9.28
N ALA A 140 -10.97 10.42 -8.78
CA ALA A 140 -11.51 11.19 -7.66
C ALA A 140 -10.63 11.03 -6.42
N ILE A 141 -10.21 9.80 -6.15
CA ILE A 141 -9.29 9.52 -5.04
C ILE A 141 -8.11 8.74 -5.61
N THR A 142 -6.91 9.27 -5.43
CA THR A 142 -5.72 8.62 -5.95
C THR A 142 -5.07 7.81 -4.82
N ALA A 143 -4.22 6.86 -5.19
CA ALA A 143 -3.49 6.02 -4.24
C ALA A 143 -2.52 6.86 -3.41
N ARG A 144 -2.17 6.36 -2.23
CA ARG A 144 -1.13 6.97 -1.41
C ARG A 144 0.21 6.62 -2.00
N SER A 145 0.57 7.29 -3.09
CA SER A 145 1.73 6.91 -3.86
C SER A 145 2.97 7.76 -3.55
N HIS A 146 2.85 8.70 -2.62
CA HIS A 146 3.97 9.58 -2.30
C HIS A 146 4.37 9.46 -0.83
N MET A 147 5.64 9.74 -0.57
CA MET A 147 6.19 9.72 0.80
C MET A 147 6.66 11.13 1.19
N LEU A 148 6.34 11.55 2.41
CA LEU A 148 6.95 12.72 3.02
C LEU A 148 7.27 12.45 4.47
N LEU A 149 7.82 13.45 5.15
CA LEU A 149 8.28 13.30 6.52
C LEU A 149 7.67 14.32 7.44
N ARG A 150 7.54 13.96 8.72
CA ARG A 150 7.29 14.96 9.74
C ARG A 150 8.48 15.02 10.69
N VAL A 151 8.84 16.25 11.05
CA VAL A 151 9.96 16.52 11.93
C VAL A 151 9.40 17.32 13.12
N GLU A 152 9.65 16.84 14.33
CA GLU A 152 9.25 17.55 15.55
C GLU A 152 10.42 18.35 16.07
N LEU A 153 10.25 19.67 16.10
CA LEU A 153 11.30 20.58 16.61
C LEU A 153 10.75 21.43 17.74
N ASP A 154 11.29 21.22 18.95
CA ASP A 154 10.85 21.92 20.17
C ASP A 154 9.34 21.94 20.27
N GLY A 155 8.71 20.78 20.10
CA GLY A 155 7.26 20.66 20.20
C GLY A 155 6.44 21.13 19.01
N ARG A 156 7.09 21.69 17.98
CA ARG A 156 6.35 22.12 16.78
C ARG A 156 6.52 21.05 15.69
N THR A 157 5.49 20.86 14.87
CA THR A 157 5.54 19.93 13.76
C THR A 157 5.86 20.63 12.45
N TYR A 158 6.91 20.15 11.79
CA TYR A 158 7.24 20.54 10.43
C TYR A 158 7.00 19.36 9.49
N ILE A 159 6.76 19.65 8.23
CA ILE A 159 6.90 18.62 7.21
C ILE A 159 8.15 18.91 6.40
N ALA A 160 8.74 17.84 5.91
CA ALA A 160 9.86 17.89 5.04
C ALA A 160 9.60 16.89 3.91
N ASP A 161 10.12 17.21 2.73
CA ASP A 161 9.87 16.44 1.54
C ASP A 161 10.89 16.82 0.50
N VAL A 162 11.95 16.02 0.39
CA VAL A 162 12.96 16.26 -0.64
C VAL A 162 12.78 15.35 -1.86
N GLY A 163 11.58 14.81 -2.04
CA GLY A 163 11.41 13.78 -3.06
C GLY A 163 10.18 13.83 -3.92
N PHE A 164 9.50 14.96 -4.00
CA PHE A 164 8.26 15.00 -4.80
C PHE A 164 8.53 14.96 -6.32
N GLY A 165 9.49 15.75 -6.78
CA GLY A 165 9.82 15.82 -8.20
C GLY A 165 10.05 17.26 -8.64
N GLY A 166 9.26 17.70 -9.62
CA GLY A 166 9.42 19.06 -10.18
C GLY A 166 9.34 20.12 -9.12
N LEU A 167 8.37 19.97 -8.22
CA LEU A 167 8.16 20.94 -7.17
C LEU A 167 8.55 20.40 -5.80
N THR A 168 9.67 19.69 -5.75
CA THR A 168 10.25 19.29 -4.47
C THR A 168 10.51 20.55 -3.62
N LEU A 169 10.05 20.52 -2.38
CA LEU A 169 10.29 21.60 -1.44
C LEU A 169 11.77 21.79 -1.21
N THR A 170 12.19 23.05 -1.11
CA THR A 170 13.58 23.39 -0.79
C THR A 170 13.71 24.04 0.61
N ALA A 171 12.63 23.96 1.38
CA ALA A 171 12.66 24.27 2.81
C ALA A 171 11.64 23.42 3.52
N PRO A 172 11.86 23.12 4.82
CA PRO A 172 10.78 22.50 5.59
C PRO A 172 9.64 23.50 5.79
N LEU A 173 8.42 23.02 5.97
CA LEU A 173 7.29 23.89 6.24
C LEU A 173 6.70 23.62 7.62
N LEU A 174 6.29 24.69 8.31
CA LEU A 174 5.55 24.54 9.55
C LEU A 174 4.16 24.00 9.23
N LEU A 175 3.71 23.01 10.01
CA LEU A 175 2.39 22.43 9.77
C LEU A 175 1.36 23.36 10.38
N GLU A 176 1.15 24.45 9.66
CA GLU A 176 0.31 25.56 10.11
C GLU A 176 -0.63 25.90 8.95
N PRO A 177 -1.87 25.37 8.99
CA PRO A 177 -2.86 25.55 7.93
C PRO A 177 -3.21 27.02 7.60
N GLY A 178 -3.44 27.29 6.32
CA GLY A 178 -3.92 28.60 5.86
C GLY A 178 -2.82 29.57 5.45
N ARG A 179 -1.67 29.46 6.11
CA ARG A 179 -0.59 30.44 5.98
C ARG A 179 0.26 30.23 4.71
N GLU A 180 0.45 31.30 3.95
CA GLU A 180 1.48 31.30 2.93
C GLU A 180 2.85 31.26 3.59
N GLN A 181 3.72 30.36 3.12
CA GLN A 181 5.08 30.26 3.63
C GLN A 181 6.03 30.40 2.46
N LYS A 182 6.93 31.38 2.56
CA LYS A 182 8.00 31.58 1.60
C LYS A 182 9.03 30.47 1.72
N THR A 183 9.67 30.13 0.60
CA THR A 183 10.77 29.16 0.58
C THR A 183 11.86 29.80 -0.27
N PRO A 184 13.04 29.15 -0.37
CA PRO A 184 14.05 29.66 -1.31
C PRO A 184 13.61 29.61 -2.78
N HIS A 185 12.49 28.97 -3.08
CA HIS A 185 11.94 28.96 -4.43
C HIS A 185 10.52 29.50 -4.38
N GLU A 186 9.52 28.71 -4.79
CA GLU A 186 8.16 29.19 -4.83
C GLU A 186 7.55 29.33 -3.42
N PRO A 187 6.48 30.12 -3.29
CA PRO A 187 5.67 30.11 -2.09
C PRO A 187 4.85 28.82 -2.01
N PHE A 188 4.66 28.31 -0.80
CA PHE A 188 3.83 27.14 -0.56
C PHE A 188 2.85 27.47 0.53
N ARG A 189 1.79 26.70 0.62
CA ARG A 189 0.93 26.75 1.80
C ARG A 189 0.31 25.41 2.04
N ILE A 190 -0.08 25.17 3.28
CA ILE A 190 -0.78 23.96 3.64
C ILE A 190 -2.19 24.36 3.99
N VAL A 191 -3.17 23.68 3.42
CA VAL A 191 -4.57 23.97 3.72
C VAL A 191 -5.21 22.75 4.33
N GLU A 192 -6.12 22.98 5.27
CA GLU A 192 -6.81 21.94 6.01
C GLU A 192 -8.15 21.62 5.38
N ALA A 193 -8.35 20.35 5.02
CA ALA A 193 -9.55 19.87 4.37
C ALA A 193 -10.07 18.64 5.10
N ASP A 194 -11.03 18.84 5.99
CA ASP A 194 -11.63 17.77 6.83
C ASP A 194 -10.54 17.11 7.67
N ASP A 195 -10.45 15.77 7.61
CA ASP A 195 -9.38 15.01 8.25
C ASP A 195 -7.95 15.43 7.83
N HIS A 196 -7.78 15.81 6.56
CA HIS A 196 -6.46 15.88 5.91
C HIS A 196 -5.92 17.29 5.61
N PHE A 197 -4.70 17.32 5.06
CA PHE A 197 -4.03 18.53 4.63
C PHE A 197 -3.74 18.42 3.13
N ARG A 198 -3.70 19.55 2.43
CA ARG A 198 -3.19 19.62 1.07
C ARG A 198 -1.98 20.54 1.08
N LEU A 199 -0.89 20.09 0.47
CA LEU A 199 0.26 20.94 0.22
C LEU A 199 0.09 21.60 -1.16
N GLN A 200 0.17 22.92 -1.17
CA GLN A 200 -0.05 23.70 -2.40
C GLN A 200 1.13 24.59 -2.71
N ALA A 201 1.39 24.81 -3.98
CA ALA A 201 2.44 25.74 -4.42
C ALA A 201 1.83 26.85 -5.27
N ALA A 202 2.42 28.02 -5.22
CA ALA A 202 1.93 29.16 -6.02
C ALA A 202 2.63 29.12 -7.37
N ILE A 203 1.86 28.82 -8.41
CA ILE A 203 2.37 28.60 -9.74
C ILE A 203 1.50 29.37 -10.74
N GLY A 204 2.12 30.25 -11.52
CA GLY A 204 1.40 31.05 -12.52
C GLY A 204 0.27 31.84 -11.93
N GLY A 205 0.48 32.36 -10.71
CA GLY A 205 -0.56 33.12 -9.99
C GLY A 205 -1.70 32.36 -9.34
N ASP A 206 -1.66 31.02 -9.41
CA ASP A 206 -2.68 30.16 -8.80
C ASP A 206 -2.08 29.29 -7.67
N TRP A 207 -2.90 28.95 -6.69
CA TRP A 207 -2.52 27.92 -5.71
C TRP A 207 -2.86 26.56 -6.31
N ARG A 208 -1.83 25.76 -6.55
CA ARG A 208 -1.95 24.43 -7.12
C ARG A 208 -1.59 23.35 -6.10
N SER A 209 -2.48 22.38 -5.93
CA SER A 209 -2.31 21.30 -4.97
C SER A 209 -1.33 20.26 -5.50
N LEU A 210 -0.29 19.97 -4.73
CA LEU A 210 0.63 18.89 -5.06
C LEU A 210 0.05 17.54 -4.60
N TYR A 211 -0.37 17.49 -3.35
CA TYR A 211 -0.82 16.25 -2.74
C TYR A 211 -1.56 16.49 -1.44
N ARG A 212 -2.30 15.47 -0.99
CA ARG A 212 -3.03 15.52 0.26
C ARG A 212 -2.52 14.42 1.18
N PHE A 213 -2.50 14.72 2.47
CA PHE A 213 -1.89 13.80 3.44
C PHE A 213 -2.54 13.95 4.79
N ASP A 214 -2.54 12.86 5.57
CA ASP A 214 -2.86 12.93 7.00
C ASP A 214 -1.63 12.54 7.81
N LEU A 215 -1.74 12.46 9.15
CA LEU A 215 -0.56 12.22 10.00
C LEU A 215 -0.38 10.74 10.39
N GLN A 216 -0.99 9.84 9.65
CA GLN A 216 -0.81 8.42 9.93
C GLN A 216 0.66 8.03 9.73
N PRO A 217 1.30 7.42 10.75
CA PRO A 217 2.70 7.04 10.57
C PRO A 217 2.86 5.93 9.55
N GLN A 218 4.01 5.91 8.89
CA GLN A 218 4.31 4.93 7.88
C GLN A 218 5.68 4.40 8.19
N TYR A 219 5.93 3.13 7.89
CA TYR A 219 7.25 2.55 8.07
C TYR A 219 7.76 2.02 6.76
N GLU A 220 9.04 1.65 6.74
CA GLU A 220 9.69 1.17 5.54
C GLU A 220 8.89 0.05 4.86
N VAL A 221 8.35 -0.89 5.64
CA VAL A 221 7.57 -1.98 5.01
C VAL A 221 6.33 -1.45 4.25
N ASP A 222 5.75 -0.35 4.71
CA ASP A 222 4.60 0.23 4.02
C ASP A 222 5.03 0.81 2.69
N TYR A 223 6.13 1.55 2.71
CA TYR A 223 6.67 2.11 1.49
C TYR A 223 7.10 1.04 0.51
N SER A 224 7.58 -0.10 1.01
CA SER A 224 8.02 -1.17 0.08
C SER A 224 6.85 -1.72 -0.72
N VAL A 225 5.65 -1.77 -0.15
CA VAL A 225 4.47 -2.27 -0.87
C VAL A 225 4.09 -1.30 -2.00
N THR A 226 4.01 -0.02 -1.67
CA THR A 226 3.70 1.00 -2.66
C THR A 226 4.77 1.13 -3.74
N ASN A 227 6.03 1.05 -3.35
CA ASN A 227 7.18 1.06 -4.27
C ASN A 227 7.14 -0.09 -5.28
N TYR A 228 6.78 -1.28 -4.79
CA TYR A 228 6.65 -2.41 -5.66
C TYR A 228 5.60 -2.09 -6.75
N PHE A 229 4.49 -1.51 -6.36
CA PHE A 229 3.42 -1.17 -7.31
C PHE A 229 3.87 -0.11 -8.34
N LEU A 230 4.41 1.01 -7.85
CA LEU A 230 4.82 2.11 -8.72
C LEU A 230 5.91 1.72 -9.69
N SER A 231 6.84 0.90 -9.20
CA SER A 231 8.02 0.58 -9.98
C SER A 231 7.81 -0.62 -10.93
N THR A 232 6.77 -1.44 -10.72
CA THR A 232 6.57 -2.65 -11.55
C THR A 232 5.18 -2.86 -12.17
N SER A 233 4.15 -2.18 -11.68
CA SER A 233 2.80 -2.34 -12.25
C SER A 233 2.76 -1.84 -13.70
N PRO A 234 2.18 -2.65 -14.62
CA PRO A 234 2.05 -2.20 -16.02
C PRO A 234 1.23 -0.93 -16.18
N THR A 235 0.27 -0.71 -15.28
CA THR A 235 -0.51 0.54 -15.25
C THR A 235 0.34 1.77 -14.91
N SER A 236 1.36 1.58 -14.07
CA SER A 236 2.16 2.69 -13.57
C SER A 236 2.95 3.41 -14.66
N HIS A 237 2.81 4.73 -14.71
CA HIS A 237 3.54 5.54 -15.70
C HIS A 237 5.02 5.75 -15.36
N PHE A 238 5.45 5.38 -14.16
CA PHE A 238 6.87 5.40 -13.81
C PHE A 238 7.67 4.38 -14.61
N LEU A 239 6.96 3.41 -15.19
CA LEU A 239 7.58 2.35 -15.98
C LEU A 239 7.65 2.76 -17.46
N SER A 240 6.66 3.51 -17.92
CA SER A 240 6.50 3.78 -19.36
C SER A 240 7.05 5.13 -19.85
N SER A 241 7.20 6.12 -18.97
CA SER A 241 7.78 7.40 -19.40
C SER A 241 9.10 7.76 -18.75
N VAL A 242 9.75 8.79 -19.29
CA VAL A 242 10.98 9.32 -18.70
C VAL A 242 10.59 10.61 -18.02
N ILE A 243 10.86 10.68 -16.73
CA ILE A 243 10.51 11.82 -15.91
C ILE A 243 11.68 12.14 -14.98
N ALA A 244 12.02 13.42 -14.87
CA ALA A 244 13.16 13.86 -14.07
C ALA A 244 13.07 15.30 -13.61
N ALA A 245 13.85 15.62 -12.59
CA ALA A 245 13.87 16.97 -12.06
C ALA A 245 15.09 17.21 -11.20
N ARG A 246 15.51 18.47 -11.13
CA ARG A 246 16.57 18.85 -10.24
C ARG A 246 16.43 20.34 -9.96
N ALA A 247 16.58 20.70 -8.68
CA ALA A 247 16.52 22.08 -8.25
C ALA A 247 17.89 22.70 -8.43
N ALA A 248 17.92 24.01 -8.60
CA ALA A 248 19.18 24.77 -8.66
C ALA A 248 18.94 26.12 -7.95
N PRO A 249 20.01 26.91 -7.71
CA PRO A 249 19.79 28.06 -6.81
C PRO A 249 18.76 29.06 -7.33
N ASP A 250 18.78 29.34 -8.61
CA ASP A 250 17.90 30.35 -9.20
C ASP A 250 16.89 29.77 -10.19
N ARG A 251 16.68 28.45 -10.16
CA ARG A 251 15.80 27.78 -11.13
C ARG A 251 15.50 26.31 -10.76
N ARG A 252 14.49 25.74 -11.42
CA ARG A 252 14.26 24.29 -11.41
C ARG A 252 14.30 23.72 -12.85
N TYR A 253 14.92 22.55 -13.00
CA TYR A 253 14.84 21.77 -14.24
C TYR A 253 13.81 20.69 -14.09
N ALA A 254 12.91 20.55 -15.06
CA ALA A 254 11.92 19.48 -15.04
C ALA A 254 11.73 18.90 -16.43
N LEU A 255 11.62 17.58 -16.50
CA LEU A 255 11.52 16.87 -17.77
C LEU A 255 10.40 15.83 -17.71
N ARG A 256 9.55 15.84 -18.73
CA ARG A 256 8.51 14.84 -18.90
C ARG A 256 8.50 14.41 -20.34
N GLY A 257 8.90 13.15 -20.58
CA GLY A 257 9.05 12.60 -21.92
C GLY A 257 10.06 13.42 -22.70
N ASN A 258 9.60 14.10 -23.74
CA ASN A 258 10.46 14.87 -24.63
C ASN A 258 10.40 16.38 -24.41
N ARG A 259 9.86 16.80 -23.27
CA ARG A 259 9.73 18.22 -22.98
C ARG A 259 10.56 18.58 -21.75
N LEU A 260 11.58 19.41 -21.98
CA LEU A 260 12.40 19.95 -20.94
C LEU A 260 11.87 21.34 -20.59
N SER A 261 11.67 21.60 -19.29
CA SER A 261 11.25 22.93 -18.82
C SER A 261 12.28 23.45 -17.83
N ILE A 262 12.71 24.69 -18.03
CA ILE A 262 13.58 25.34 -17.07
C ILE A 262 12.80 26.49 -16.44
N HIS A 263 12.47 26.34 -15.16
CA HIS A 263 11.63 27.29 -14.45
C HIS A 263 12.52 28.24 -13.66
N HIS A 264 12.74 29.44 -14.23
CA HIS A 264 13.57 30.46 -13.59
C HIS A 264 12.85 31.07 -12.41
N LEU A 265 13.55 31.19 -11.29
CA LEU A 265 12.92 31.67 -10.07
C LEU A 265 12.44 33.12 -10.26
N GLY A 266 11.15 33.34 -10.02
CA GLY A 266 10.53 34.64 -10.25
C GLY A 266 10.72 35.13 -11.67
N GLY A 267 10.58 34.22 -12.64
CA GLY A 267 10.87 34.55 -14.03
C GLY A 267 10.15 33.68 -15.04
N ARG A 268 10.73 33.59 -16.23
CA ARG A 268 10.13 32.84 -17.33
C ARG A 268 10.36 31.33 -17.17
N THR A 269 9.57 30.56 -17.92
CA THR A 269 9.81 29.13 -18.09
C THR A 269 10.25 28.88 -19.54
N GLU A 270 11.52 28.49 -19.74
CA GLU A 270 11.99 28.08 -21.06
C GLU A 270 11.57 26.63 -21.30
N GLN A 271 10.97 26.36 -22.45
CA GLN A 271 10.60 25.01 -22.80
C GLN A 271 11.29 24.56 -24.08
N THR A 272 11.74 23.31 -24.08
CA THR A 272 12.42 22.72 -25.24
C THR A 272 11.80 21.38 -25.58
N GLU A 273 11.53 21.18 -26.86
CA GLU A 273 11.13 19.87 -27.36
C GLU A 273 12.41 19.12 -27.69
N ILE A 274 12.49 17.86 -27.25
CA ILE A 274 13.69 17.08 -27.47
C ILE A 274 13.40 16.12 -28.61
N ALA A 275 14.20 16.23 -29.66
CA ALA A 275 13.87 15.62 -30.95
C ALA A 275 14.20 14.13 -31.04
N THR A 276 15.24 13.71 -30.34
CA THR A 276 15.73 12.34 -30.50
C THR A 276 16.05 11.66 -29.16
N ALA A 277 16.12 10.33 -29.21
CA ALA A 277 16.53 9.50 -28.08
C ALA A 277 17.92 9.89 -27.62
N ALA A 278 18.82 10.14 -28.57
CA ALA A 278 20.19 10.54 -28.27
C ALA A 278 20.25 11.89 -27.52
N ASP A 279 19.49 12.86 -28.00
CA ASP A 279 19.48 14.19 -27.37
C ASP A 279 18.78 14.10 -25.99
N LEU A 280 17.81 13.19 -25.83
CA LEU A 280 17.16 12.97 -24.53
C LEU A 280 18.19 12.46 -23.52
N ALA A 281 18.97 11.45 -23.92
CA ALA A 281 20.02 10.94 -23.06
C ALA A 281 21.14 11.97 -22.78
N ASP A 282 21.45 12.80 -23.78
CA ASP A 282 22.40 13.90 -23.61
C ASP A 282 21.88 14.88 -22.57
N THR A 283 20.62 15.26 -22.67
CA THR A 283 20.05 16.22 -21.75
C THR A 283 20.04 15.69 -20.31
N LEU A 284 19.67 14.41 -20.16
CA LEU A 284 19.68 13.79 -18.84
C LEU A 284 21.09 13.74 -18.25
N GLN A 285 22.04 13.26 -19.02
CA GLN A 285 23.39 13.02 -18.53
C GLN A 285 24.21 14.28 -18.40
N GLY A 286 24.04 15.20 -19.34
CA GLY A 286 24.79 16.45 -19.32
C GLY A 286 24.11 17.43 -18.38
N LEU A 287 23.12 18.13 -18.92
CA LEU A 287 22.40 19.15 -18.16
C LEU A 287 21.88 18.71 -16.76
N LEU A 288 21.18 17.58 -16.68
CA LEU A 288 20.55 17.20 -15.41
C LEU A 288 21.43 16.37 -14.48
N GLY A 289 22.61 15.99 -14.95
CA GLY A 289 23.57 15.26 -14.10
C GLY A 289 23.03 13.90 -13.68
N ILE A 290 22.23 13.29 -14.54
CA ILE A 290 21.61 11.99 -14.26
C ILE A 290 22.44 10.87 -14.90
N ILE A 291 22.56 9.77 -14.16
CA ILE A 291 23.36 8.64 -14.61
C ILE A 291 22.45 7.65 -15.31
N ILE A 292 22.86 7.21 -16.49
CA ILE A 292 22.12 6.18 -17.19
C ILE A 292 23.04 4.96 -17.28
N PRO A 293 22.80 3.93 -16.46
CA PRO A 293 23.67 2.75 -16.44
C PRO A 293 23.87 2.07 -17.81
N ASP A 294 22.82 1.95 -18.59
CA ASP A 294 22.85 1.27 -19.89
C ASP A 294 22.21 2.20 -20.92
N ARG A 295 23.03 3.05 -21.53
CA ARG A 295 22.51 4.09 -22.43
C ARG A 295 21.87 3.48 -23.67
N THR A 296 22.45 2.39 -24.17
CA THR A 296 21.92 1.70 -25.35
C THR A 296 20.51 1.18 -25.09
N ALA A 297 20.31 0.46 -23.99
CA ALA A 297 18.97 -0.02 -23.63
C ALA A 297 18.02 1.14 -23.39
N PHE A 298 18.53 2.21 -22.78
CA PHE A 298 17.70 3.39 -22.55
C PHE A 298 17.21 3.97 -23.88
N GLU A 299 18.16 4.28 -24.76
CA GLU A 299 17.82 4.88 -26.07
C GLU A 299 16.90 3.96 -26.84
N ALA A 300 17.19 2.66 -26.78
CA ALA A 300 16.39 1.67 -27.49
C ALA A 300 14.94 1.72 -27.06
N LYS A 301 14.70 1.79 -25.75
CA LYS A 301 13.34 1.82 -25.25
C LYS A 301 12.65 3.15 -25.60
N VAL A 302 13.39 4.23 -25.56
CA VAL A 302 12.84 5.53 -25.93
C VAL A 302 12.34 5.46 -27.39
N ARG A 303 13.17 4.91 -28.28
CA ARG A 303 12.80 4.76 -29.70
C ARG A 303 11.62 3.82 -29.89
N GLU A 304 11.65 2.67 -29.22
CA GLU A 304 10.54 1.72 -29.25
C GLU A 304 9.21 2.36 -28.89
N THR A 305 9.16 3.03 -27.75
CA THR A 305 7.90 3.46 -27.16
C THR A 305 7.38 4.82 -27.66
N LYS A 306 8.01 5.40 -28.67
CA LYS A 306 7.55 6.65 -29.31
C LYS A 306 7.59 7.89 -28.38
N ILE A 307 8.45 7.86 -27.37
CA ILE A 307 8.58 9.02 -26.45
C ILE A 307 9.03 10.31 -27.16
N VAL A 308 9.81 10.20 -28.23
CA VAL A 308 10.26 11.41 -28.96
C VAL A 308 9.68 11.53 -30.37
N PRO B 39 -21.51 -0.02 -12.80
CA PRO B 39 -22.36 -1.22 -12.69
C PRO B 39 -23.03 -1.32 -11.32
N PRO B 40 -24.33 -1.66 -11.28
CA PRO B 40 -25.01 -1.68 -9.99
C PRO B 40 -24.79 -3.01 -9.27
N PHE B 41 -24.81 -2.98 -7.94
CA PHE B 41 -24.65 -4.20 -7.15
C PHE B 41 -25.95 -5.01 -7.15
N ASP B 42 -25.89 -6.29 -7.50
CA ASP B 42 -27.08 -7.15 -7.48
C ASP B 42 -27.22 -7.83 -6.11
N LEU B 43 -27.99 -7.19 -5.23
CA LEU B 43 -28.14 -7.65 -3.87
C LEU B 43 -28.87 -8.98 -3.79
N ASP B 44 -29.91 -9.16 -4.61
CA ASP B 44 -30.65 -10.44 -4.66
C ASP B 44 -29.72 -11.62 -4.94
N ALA B 45 -28.86 -11.45 -5.93
CA ALA B 45 -27.94 -12.52 -6.33
C ALA B 45 -26.95 -12.81 -5.21
N TYR B 46 -26.44 -11.76 -4.56
CA TYR B 46 -25.50 -11.94 -3.45
C TYR B 46 -26.14 -12.72 -2.31
N LEU B 47 -27.35 -12.33 -1.94
CA LEU B 47 -28.01 -12.95 -0.79
C LEU B 47 -28.38 -14.40 -1.13
N ALA B 48 -28.69 -14.65 -2.40
CA ALA B 48 -28.92 -16.04 -2.86
C ALA B 48 -27.63 -16.85 -2.78
N ARG B 49 -26.49 -16.26 -3.18
CA ARG B 49 -25.19 -16.93 -3.06
C ARG B 49 -24.85 -17.38 -1.64
N ILE B 50 -25.20 -16.57 -0.64
CA ILE B 50 -24.89 -16.92 0.73
C ILE B 50 -26.05 -17.63 1.43
N GLY B 51 -27.21 -17.71 0.76
CA GLY B 51 -28.39 -18.42 1.28
C GLY B 51 -29.15 -17.64 2.33
N TYR B 52 -29.15 -16.31 2.22
CA TYR B 52 -29.85 -15.47 3.19
C TYR B 52 -31.24 -15.14 2.69
N THR B 53 -32.25 -15.55 3.46
CA THR B 53 -33.65 -15.35 3.08
C THR B 53 -34.38 -14.49 4.12
N GLY B 54 -33.62 -13.88 5.02
CA GLY B 54 -34.20 -13.09 6.10
C GLY B 54 -34.57 -11.68 5.68
N PRO B 55 -35.01 -10.87 6.64
CA PRO B 55 -35.38 -9.47 6.37
C PRO B 55 -34.20 -8.68 5.80
N ARG B 56 -34.53 -7.72 4.92
CA ARG B 56 -33.54 -6.85 4.31
C ARG B 56 -33.62 -5.46 4.91
N ASN B 57 -32.78 -5.23 5.90
CA ASN B 57 -32.77 -3.99 6.64
C ASN B 57 -31.37 -3.79 7.24
N ALA B 58 -31.18 -2.67 7.93
CA ALA B 58 -29.87 -2.31 8.44
C ALA B 58 -29.79 -2.53 9.95
N SER B 59 -30.38 -3.64 10.42
CA SER B 59 -30.39 -4.00 11.84
C SER B 59 -29.18 -4.82 12.22
N LEU B 60 -28.87 -4.82 13.51
CA LEU B 60 -27.85 -5.67 14.07
C LEU B 60 -28.15 -7.16 13.83
N ASP B 61 -29.42 -7.56 13.97
CA ASP B 61 -29.83 -8.95 13.71
C ASP B 61 -29.46 -9.37 12.28
N THR B 62 -29.74 -8.49 11.33
CA THR B 62 -29.37 -8.74 9.96
C THR B 62 -27.84 -8.79 9.77
N LEU B 63 -27.12 -7.87 10.39
CA LEU B 63 -25.66 -7.87 10.29
C LEU B 63 -25.12 -9.20 10.83
N LYS B 64 -25.68 -9.65 11.95
CA LYS B 64 -25.23 -10.92 12.54
C LYS B 64 -25.51 -12.10 11.63
N ALA B 65 -26.68 -12.10 10.98
CA ALA B 65 -27.06 -13.23 10.13
C ALA B 65 -26.16 -13.28 8.89
N LEU B 66 -25.89 -12.13 8.29
CA LEU B 66 -25.02 -12.07 7.12
C LEU B 66 -23.59 -12.47 7.48
N HIS B 67 -23.12 -12.02 8.63
CA HIS B 67 -21.76 -12.29 9.08
C HIS B 67 -21.54 -13.77 9.41
N PHE B 68 -22.61 -14.48 9.76
CA PHE B 68 -22.56 -15.91 10.03
C PHE B 68 -22.59 -16.72 8.74
N ALA B 69 -23.44 -16.31 7.81
CA ALA B 69 -23.68 -17.04 6.58
C ALA B 69 -22.57 -16.87 5.52
N HIS B 70 -22.12 -15.64 5.31
CA HIS B 70 -21.12 -15.38 4.28
C HIS B 70 -19.90 -16.29 4.38
N PRO B 71 -19.20 -16.33 5.54
CA PRO B 71 -17.98 -17.13 5.59
C PRO B 71 -18.21 -18.65 5.52
N GLN B 72 -19.46 -19.09 5.64
CA GLN B 72 -19.79 -20.52 5.46
C GLN B 72 -20.12 -20.83 4.01
N ALA B 73 -20.70 -19.87 3.30
CA ALA B 73 -21.10 -20.07 1.90
C ALA B 73 -19.98 -19.81 0.92
N ILE B 74 -19.10 -18.85 1.22
CA ILE B 74 -18.02 -18.45 0.30
C ILE B 74 -16.66 -18.76 0.93
N PRO B 75 -15.88 -19.65 0.31
CA PRO B 75 -14.59 -20.01 0.89
C PRO B 75 -13.52 -18.95 0.72
N TRP B 76 -12.56 -19.01 1.62
CA TRP B 76 -11.37 -18.19 1.56
C TRP B 76 -10.35 -19.02 0.82
N GLU B 77 -9.78 -18.46 -0.24
CA GLU B 77 -8.79 -19.19 -1.02
C GLU B 77 -7.93 -18.25 -1.87
N ASN B 78 -6.79 -18.78 -2.30
CA ASN B 78 -5.86 -18.06 -3.15
C ASN B 78 -5.61 -18.77 -4.49
N ILE B 79 -6.64 -19.39 -5.06
CA ILE B 79 -6.46 -20.14 -6.30
C ILE B 79 -5.94 -19.23 -7.43
N ASP B 80 -6.51 -18.05 -7.61
CA ASP B 80 -6.08 -17.20 -8.72
C ASP B 80 -4.63 -16.70 -8.57
N PRO B 81 -4.27 -16.15 -7.39
CA PRO B 81 -2.87 -15.80 -7.20
C PRO B 81 -1.93 -17.00 -7.41
N PHE B 82 -2.29 -18.15 -6.86
CA PHE B 82 -1.49 -19.37 -7.02
C PHE B 82 -1.27 -19.71 -8.50
N LEU B 83 -2.32 -19.60 -9.30
CA LEU B 83 -2.25 -19.91 -10.74
C LEU B 83 -1.72 -18.75 -11.60
N GLY B 84 -1.25 -17.69 -10.95
CA GLY B 84 -0.81 -16.50 -11.67
C GLY B 84 -1.90 -15.75 -12.43
N ARG B 85 -3.15 -15.85 -12.00
CA ARG B 85 -4.23 -15.12 -12.65
C ARG B 85 -4.52 -13.85 -11.87
N PRO B 86 -4.82 -12.75 -12.58
CA PRO B 86 -5.01 -11.49 -11.87
C PRO B 86 -6.21 -11.52 -10.95
N VAL B 87 -6.11 -10.86 -9.81
CA VAL B 87 -7.24 -10.69 -8.91
C VAL B 87 -7.76 -9.29 -9.11
N ARG B 88 -9.01 -9.20 -9.58
CA ARG B 88 -9.69 -7.93 -9.80
C ARG B 88 -10.57 -7.61 -8.60
N LEU B 89 -10.53 -6.37 -8.15
CA LEU B 89 -11.32 -5.93 -6.99
C LEU B 89 -12.52 -5.06 -7.38
N ASP B 90 -12.62 -4.67 -8.65
CA ASP B 90 -13.78 -3.88 -9.08
C ASP B 90 -15.07 -4.68 -8.90
N LEU B 91 -16.16 -3.97 -8.68
CA LEU B 91 -17.45 -4.56 -8.36
C LEU B 91 -17.95 -5.59 -9.37
N ALA B 92 -17.84 -5.28 -10.65
CA ALA B 92 -18.33 -6.15 -11.70
C ALA B 92 -17.61 -7.52 -11.65
N ALA B 93 -16.30 -7.48 -11.43
CA ALA B 93 -15.49 -8.67 -11.39
C ALA B 93 -15.77 -9.48 -10.11
N LEU B 94 -15.94 -8.80 -8.98
CA LEU B 94 -16.28 -9.50 -7.72
C LEU B 94 -17.60 -10.28 -7.87
N GLN B 95 -18.59 -9.62 -8.44
CA GLN B 95 -19.91 -10.23 -8.67
C GLN B 95 -19.82 -11.40 -9.62
N ASP B 96 -19.15 -11.22 -10.74
CA ASP B 96 -18.99 -12.29 -11.71
C ASP B 96 -18.23 -13.49 -11.17
N LYS B 97 -17.13 -13.24 -10.45
CA LYS B 97 -16.28 -14.32 -9.95
C LYS B 97 -16.94 -15.08 -8.82
N ILE B 98 -17.40 -14.34 -7.83
CA ILE B 98 -17.82 -14.93 -6.56
C ILE B 98 -19.32 -15.23 -6.56
N VAL B 99 -20.14 -14.28 -6.97
CA VAL B 99 -21.58 -14.40 -6.85
C VAL B 99 -22.16 -15.25 -8.00
N LEU B 100 -21.92 -14.83 -9.24
CA LEU B 100 -22.36 -15.60 -10.41
C LEU B 100 -21.49 -16.85 -10.63
N GLY B 101 -20.18 -16.68 -10.59
CA GLY B 101 -19.27 -17.79 -10.91
C GLY B 101 -19.09 -18.83 -9.83
N GLY B 102 -19.55 -18.51 -8.62
CA GLY B 102 -19.56 -19.47 -7.52
C GLY B 102 -18.19 -19.78 -6.94
N ARG B 103 -17.23 -18.90 -7.14
CA ARG B 103 -15.90 -19.11 -6.56
C ARG B 103 -15.77 -18.36 -5.26
N GLY B 104 -14.56 -18.39 -4.68
CA GLY B 104 -14.26 -17.61 -3.47
C GLY B 104 -13.17 -16.58 -3.74
N GLY B 105 -12.40 -16.28 -2.70
CA GLY B 105 -11.34 -15.30 -2.79
C GLY B 105 -10.70 -15.09 -1.44
N TYR B 106 -9.81 -14.09 -1.36
CA TYR B 106 -9.10 -13.77 -0.13
C TYR B 106 -9.61 -12.44 0.44
N CYS B 107 -8.87 -11.81 1.36
CA CYS B 107 -9.52 -10.79 2.22
C CYS B 107 -10.19 -9.64 1.48
N PHE B 108 -9.50 -9.06 0.51
CA PHE B 108 -10.02 -7.88 -0.21
C PHE B 108 -11.28 -8.20 -1.00
N GLU B 109 -11.30 -9.39 -1.60
CA GLU B 109 -12.47 -9.84 -2.34
C GLU B 109 -13.69 -10.01 -1.43
N HIS B 110 -13.48 -10.68 -0.30
CA HIS B 110 -14.53 -10.97 0.64
C HIS B 110 -15.13 -9.69 1.22
N ASN B 111 -14.26 -8.84 1.76
CA ASN B 111 -14.74 -7.68 2.48
C ASN B 111 -15.19 -6.53 1.60
N LEU B 112 -14.65 -6.39 0.40
CA LEU B 112 -15.25 -5.48 -0.57
C LEU B 112 -16.64 -5.93 -0.96
N LEU B 113 -16.81 -7.22 -1.22
CA LEU B 113 -18.13 -7.76 -1.57
C LEU B 113 -19.09 -7.54 -0.40
N PHE B 114 -18.67 -7.89 0.81
CA PHE B 114 -19.51 -7.73 1.99
C PHE B 114 -19.87 -6.24 2.15
N MET B 115 -18.91 -5.35 1.98
CA MET B 115 -19.19 -3.92 2.13
C MET B 115 -20.25 -3.43 1.12
N HIS B 116 -20.14 -3.88 -0.13
CA HIS B 116 -21.15 -3.56 -1.14
C HIS B 116 -22.53 -4.04 -0.71
N ALA B 117 -22.63 -5.25 -0.16
CA ALA B 117 -23.91 -5.77 0.30
C ALA B 117 -24.45 -4.96 1.46
N LEU B 118 -23.60 -4.70 2.45
CA LEU B 118 -24.05 -3.92 3.62
C LEU B 118 -24.53 -2.53 3.21
N LYS B 119 -23.82 -1.88 2.31
CA LYS B 119 -24.23 -0.56 1.82
C LYS B 119 -25.58 -0.62 1.13
N ALA B 120 -25.80 -1.64 0.31
CA ALA B 120 -27.07 -1.82 -0.39
C ALA B 120 -28.22 -2.06 0.59
N LEU B 121 -27.93 -2.68 1.73
CA LEU B 121 -28.95 -2.88 2.75
C LEU B 121 -29.20 -1.66 3.66
N GLY B 122 -28.42 -0.60 3.49
CA GLY B 122 -28.62 0.61 4.27
C GLY B 122 -27.64 0.84 5.42
N PHE B 123 -26.67 -0.04 5.63
CA PHE B 123 -25.70 0.17 6.73
C PHE B 123 -24.73 1.30 6.42
N GLU B 124 -24.22 1.92 7.47
CA GLU B 124 -23.17 2.92 7.33
C GLU B 124 -21.86 2.16 7.57
N VAL B 125 -21.06 2.02 6.52
CA VAL B 125 -19.92 1.12 6.55
C VAL B 125 -18.73 1.78 5.87
N GLY B 126 -17.55 1.61 6.44
CA GLY B 126 -16.31 2.13 5.86
C GLY B 126 -15.24 1.06 5.88
N GLY B 127 -14.27 1.19 4.98
CA GLY B 127 -13.16 0.27 4.90
C GLY B 127 -12.02 0.62 5.87
N LEU B 128 -11.39 -0.41 6.41
CA LEU B 128 -10.18 -0.29 7.25
C LEU B 128 -9.11 -1.22 6.71
N ALA B 129 -7.88 -1.07 7.23
CA ALA B 129 -6.79 -1.97 6.92
C ALA B 129 -6.12 -2.42 8.20
N ALA B 130 -5.41 -3.54 8.14
CA ALA B 130 -4.76 -4.10 9.34
C ALA B 130 -3.46 -4.77 8.99
N ARG B 131 -2.53 -4.77 9.96
CA ARG B 131 -1.28 -5.52 9.84
C ARG B 131 -1.48 -6.89 10.49
N VAL B 132 -1.14 -7.95 9.78
CA VAL B 132 -1.41 -9.32 10.26
C VAL B 132 -0.33 -9.69 11.29
N LEU B 133 -0.78 -10.20 12.43
CA LEU B 133 0.11 -10.70 13.50
C LEU B 133 0.14 -12.24 13.52
N TRP B 134 -0.96 -12.87 13.20
CA TRP B 134 -1.06 -14.34 13.17
C TRP B 134 -0.04 -15.00 12.23
N GLY B 135 0.84 -15.83 12.78
CA GLY B 135 1.87 -16.52 11.99
C GLY B 135 2.97 -15.61 11.44
N GLN B 136 3.20 -14.46 12.07
CA GLN B 136 4.13 -13.46 11.54
C GLN B 136 5.20 -13.00 12.51
N SER B 137 5.91 -13.95 13.10
CA SER B 137 6.95 -13.64 14.08
C SER B 137 8.16 -12.92 13.46
N GLU B 138 8.46 -13.23 12.20
CA GLU B 138 9.71 -12.80 11.55
C GLU B 138 9.95 -11.28 11.54
N ASP B 139 8.87 -10.51 11.33
CA ASP B 139 9.01 -9.06 11.17
C ASP B 139 8.37 -8.31 12.32
N ALA B 140 9.10 -7.33 12.83
CA ALA B 140 8.63 -6.52 13.96
C ALA B 140 7.35 -5.78 13.58
N ILE B 141 7.33 -5.22 12.38
CA ILE B 141 6.15 -4.54 11.86
C ILE B 141 5.83 -5.15 10.51
N THR B 142 4.62 -5.65 10.37
CA THR B 142 4.19 -6.26 9.11
C THR B 142 3.41 -5.24 8.28
N ALA B 143 3.29 -5.49 6.99
CA ALA B 143 2.53 -4.64 6.08
C ALA B 143 1.05 -4.63 6.42
N ARG B 144 0.36 -3.57 6.01
CA ARG B 144 -1.09 -3.50 6.13
C ARG B 144 -1.70 -4.36 5.04
N SER B 145 -1.64 -5.68 5.23
CA SER B 145 -1.99 -6.62 4.16
C SER B 145 -3.41 -7.14 4.24
N HIS B 146 -4.15 -6.71 5.26
CA HIS B 146 -5.49 -7.22 5.51
C HIS B 146 -6.51 -6.10 5.48
N MET B 147 -7.73 -6.46 5.08
CA MET B 147 -8.85 -5.54 5.05
C MET B 147 -9.90 -5.95 6.05
N LEU B 148 -10.47 -4.97 6.76
CA LEU B 148 -11.69 -5.18 7.51
C LEU B 148 -12.60 -3.97 7.38
N LEU B 149 -13.74 -4.03 8.05
CA LEU B 149 -14.76 -3.00 7.92
C LEU B 149 -15.16 -2.42 9.27
N ARG B 150 -15.59 -1.15 9.24
CA ARG B 150 -16.24 -0.51 10.36
C ARG B 150 -17.69 -0.23 10.01
N VAL B 151 -18.60 -0.60 10.91
CA VAL B 151 -20.05 -0.41 10.72
C VAL B 151 -20.52 0.47 11.88
N GLU B 152 -21.16 1.60 11.56
CA GLU B 152 -21.76 2.46 12.57
C GLU B 152 -23.23 2.10 12.71
N LEU B 153 -23.59 1.57 13.87
CA LEU B 153 -24.91 0.99 14.04
C LEU B 153 -25.45 1.33 15.43
N ASP B 154 -26.65 1.89 15.45
CA ASP B 154 -27.32 2.29 16.70
C ASP B 154 -26.40 3.09 17.61
N GLY B 155 -25.71 4.07 17.05
CA GLY B 155 -24.81 4.94 17.81
C GLY B 155 -23.44 4.35 18.18
N ARG B 156 -23.23 3.06 17.89
CA ARG B 156 -22.01 2.36 18.28
C ARG B 156 -21.15 1.96 17.06
N THR B 157 -19.85 1.78 17.30
CA THR B 157 -18.95 1.32 16.26
C THR B 157 -18.74 -0.16 16.40
N TYR B 158 -19.01 -0.89 15.31
CA TYR B 158 -18.69 -2.30 15.20
C TYR B 158 -17.59 -2.49 14.17
N ILE B 159 -16.89 -3.60 14.27
CA ILE B 159 -16.07 -4.05 13.15
C ILE B 159 -16.71 -5.31 12.60
N ALA B 160 -16.46 -5.53 11.32
CA ALA B 160 -16.88 -6.71 10.61
C ALA B 160 -15.74 -7.13 9.70
N ASP B 161 -15.64 -8.43 9.48
CA ASP B 161 -14.53 -9.02 8.77
C ASP B 161 -14.91 -10.44 8.39
N VAL B 162 -15.32 -10.61 7.15
CA VAL B 162 -15.66 -11.95 6.63
C VAL B 162 -14.54 -12.50 5.75
N GLY B 163 -13.33 -11.97 5.90
CA GLY B 163 -12.28 -12.33 4.97
C GLY B 163 -10.89 -12.63 5.51
N PHE B 164 -10.74 -12.92 6.79
CA PHE B 164 -9.39 -13.14 7.33
C PHE B 164 -8.78 -14.47 6.88
N GLY B 165 -9.56 -15.54 6.96
CA GLY B 165 -9.08 -16.87 6.54
C GLY B 165 -9.51 -17.93 7.52
N GLY B 166 -8.55 -18.66 8.10
CA GLY B 166 -8.87 -19.73 9.07
C GLY B 166 -9.75 -19.24 10.22
N LEU B 167 -9.44 -18.06 10.78
CA LEU B 167 -10.21 -17.50 11.89
C LEU B 167 -11.05 -16.29 11.49
N THR B 168 -11.67 -16.37 10.31
CA THR B 168 -12.66 -15.37 9.89
C THR B 168 -13.76 -15.28 10.95
N LEU B 169 -14.06 -14.07 11.39
CA LEU B 169 -15.16 -13.81 12.30
C LEU B 169 -16.49 -14.27 11.73
N THR B 170 -17.33 -14.85 12.58
CA THR B 170 -18.69 -15.25 12.19
C THR B 170 -19.76 -14.43 12.91
N ALA B 171 -19.33 -13.34 13.54
CA ALA B 171 -20.22 -12.28 14.04
C ALA B 171 -19.51 -10.93 14.02
N PRO B 172 -20.26 -9.81 13.88
CA PRO B 172 -19.61 -8.50 14.05
C PRO B 172 -19.22 -8.29 15.51
N LEU B 173 -18.19 -7.49 15.77
CA LEU B 173 -17.79 -7.17 17.15
C LEU B 173 -17.95 -5.70 17.47
N LEU B 174 -18.38 -5.41 18.70
CA LEU B 174 -18.36 -4.04 19.20
C LEU B 174 -16.93 -3.60 19.32
N LEU B 175 -16.65 -2.37 18.92
CA LEU B 175 -15.33 -1.80 19.11
C LEU B 175 -15.23 -1.29 20.55
N GLU B 176 -15.10 -2.23 21.48
CA GLU B 176 -15.13 -1.97 22.92
C GLU B 176 -13.94 -2.71 23.55
N PRO B 177 -12.83 -1.99 23.75
CA PRO B 177 -11.57 -2.57 24.21
C PRO B 177 -11.69 -3.32 25.54
N GLY B 178 -11.02 -4.46 25.64
CA GLY B 178 -11.02 -5.26 26.87
C GLY B 178 -12.13 -6.29 26.98
N ARG B 179 -13.27 -6.00 26.35
CA ARG B 179 -14.48 -6.83 26.47
C ARG B 179 -14.37 -8.16 25.72
N GLU B 180 -14.65 -9.26 26.41
CA GLU B 180 -14.67 -10.58 25.79
C GLU B 180 -16.03 -10.67 25.12
N GLN B 181 -16.04 -11.03 23.83
CA GLN B 181 -17.30 -11.11 23.09
C GLN B 181 -17.45 -12.49 22.49
N LYS B 182 -18.56 -13.14 22.83
CA LYS B 182 -18.90 -14.45 22.29
C LYS B 182 -19.29 -14.32 20.83
N THR B 183 -19.02 -15.37 20.06
CA THR B 183 -19.47 -15.45 18.67
C THR B 183 -20.04 -16.84 18.48
N PRO B 184 -20.65 -17.12 17.31
CA PRO B 184 -21.08 -18.48 17.03
C PRO B 184 -19.93 -19.51 16.96
N HIS B 185 -18.69 -19.04 16.97
CA HIS B 185 -17.53 -19.92 17.03
C HIS B 185 -16.70 -19.53 18.26
N GLU B 186 -15.46 -19.14 18.09
CA GLU B 186 -14.59 -18.83 19.24
C GLU B 186 -14.97 -17.50 19.90
N PRO B 187 -14.57 -17.30 21.18
CA PRO B 187 -14.60 -15.98 21.78
C PRO B 187 -13.52 -15.07 21.17
N PHE B 188 -13.83 -13.79 21.05
CA PHE B 188 -12.88 -12.80 20.54
C PHE B 188 -12.86 -11.62 21.51
N ARG B 189 -11.80 -10.83 21.45
CA ARG B 189 -11.80 -9.54 22.12
C ARG B 189 -10.90 -8.59 21.36
N ILE B 190 -11.15 -7.31 21.56
CA ILE B 190 -10.33 -6.28 21.00
C ILE B 190 -9.59 -5.61 22.16
N VAL B 191 -8.27 -5.45 22.02
CA VAL B 191 -7.49 -4.77 23.05
C VAL B 191 -6.86 -3.53 22.46
N GLU B 192 -6.73 -2.50 23.29
CA GLU B 192 -6.20 -1.21 22.89
C GLU B 192 -4.73 -1.12 23.20
N ALA B 193 -3.91 -0.87 22.18
CA ALA B 193 -2.46 -0.76 22.40
C ALA B 193 -2.11 0.71 22.68
N ASP B 194 -1.39 1.36 21.79
CA ASP B 194 -1.19 2.79 21.81
C ASP B 194 -2.30 3.43 20.96
N ASP B 195 -1.90 3.96 19.82
CA ASP B 195 -2.82 4.41 18.79
C ASP B 195 -3.84 3.34 18.34
N HIS B 196 -3.42 2.07 18.34
CA HIS B 196 -4.13 1.00 17.61
C HIS B 196 -4.93 -0.02 18.46
N PHE B 197 -5.60 -0.94 17.75
CA PHE B 197 -6.33 -2.03 18.35
C PHE B 197 -5.74 -3.35 17.85
N ARG B 198 -5.84 -4.40 18.66
CA ARG B 198 -5.52 -5.76 18.22
C ARG B 198 -6.78 -6.57 18.35
N LEU B 199 -7.11 -7.33 17.32
CA LEU B 199 -8.18 -8.32 17.39
C LEU B 199 -7.58 -9.64 17.82
N GLN B 200 -8.15 -10.22 18.87
CA GLN B 200 -7.65 -11.46 19.44
C GLN B 200 -8.72 -12.52 19.52
N ALA B 201 -8.33 -13.76 19.34
CA ALA B 201 -9.23 -14.90 19.49
C ALA B 201 -8.75 -15.80 20.62
N ALA B 202 -9.68 -16.42 21.34
CA ALA B 202 -9.32 -17.35 22.41
C ALA B 202 -9.12 -18.73 21.79
N ILE B 203 -7.88 -19.18 21.80
CA ILE B 203 -7.46 -20.42 21.15
C ILE B 203 -6.59 -21.18 22.16
N GLY B 204 -6.98 -22.40 22.49
CA GLY B 204 -6.22 -23.25 23.44
C GLY B 204 -6.02 -22.58 24.79
N GLY B 205 -7.03 -21.85 25.24
CA GLY B 205 -6.98 -21.11 26.51
C GLY B 205 -6.12 -19.86 26.55
N ASP B 206 -5.56 -19.45 25.41
CA ASP B 206 -4.78 -18.23 25.28
C ASP B 206 -5.48 -17.22 24.37
N TRP B 207 -5.28 -15.94 24.66
CA TRP B 207 -5.69 -14.87 23.75
C TRP B 207 -4.59 -14.70 22.71
N ARG B 208 -4.93 -14.98 21.46
CA ARG B 208 -3.99 -14.91 20.33
C ARG B 208 -4.38 -13.79 19.38
N SER B 209 -3.41 -12.93 19.06
CA SER B 209 -3.63 -11.79 18.19
C SER B 209 -3.70 -12.20 16.72
N LEU B 210 -4.78 -11.83 16.05
CA LEU B 210 -4.89 -12.04 14.61
C LEU B 210 -4.21 -10.90 13.85
N TYR B 211 -4.55 -9.68 14.23
CA TYR B 211 -4.04 -8.51 13.54
C TYR B 211 -4.24 -7.25 14.36
N ARG B 212 -3.55 -6.19 13.94
CA ARG B 212 -3.67 -4.88 14.58
C ARG B 212 -4.14 -3.85 13.56
N PHE B 213 -4.94 -2.90 14.01
CA PHE B 213 -5.54 -1.94 13.10
C PHE B 213 -5.79 -0.61 13.80
N ASP B 214 -5.79 0.47 13.02
CA ASP B 214 -6.33 1.76 13.47
C ASP B 214 -7.56 2.11 12.64
N LEU B 215 -8.15 3.28 12.88
CA LEU B 215 -9.39 3.66 12.21
C LEU B 215 -9.20 4.52 10.94
N GLN B 216 -8.01 4.50 10.36
CA GLN B 216 -7.75 5.22 9.12
C GLN B 216 -8.64 4.68 7.99
N PRO B 217 -9.43 5.56 7.33
CA PRO B 217 -10.28 5.03 6.25
C PRO B 217 -9.47 4.57 5.07
N GLN B 218 -9.98 3.58 4.35
CA GLN B 218 -9.32 3.01 3.18
C GLN B 218 -10.35 2.94 2.08
N TYR B 219 -9.91 3.12 0.84
CA TYR B 219 -10.81 3.03 -0.30
C TYR B 219 -10.29 1.97 -1.24
N GLU B 220 -11.12 1.62 -2.21
CA GLU B 220 -10.79 0.57 -3.15
C GLU B 220 -9.43 0.76 -3.78
N VAL B 221 -9.09 1.99 -4.15
CA VAL B 221 -7.79 2.21 -4.79
C VAL B 221 -6.62 1.84 -3.84
N ASP B 222 -6.82 2.00 -2.53
CA ASP B 222 -5.76 1.63 -1.58
C ASP B 222 -5.59 0.11 -1.54
N TYR B 223 -6.72 -0.59 -1.48
CA TYR B 223 -6.70 -2.04 -1.49
C TYR B 223 -6.10 -2.59 -2.79
N SER B 224 -6.30 -1.89 -3.90
CA SER B 224 -5.76 -2.37 -5.17
C SER B 224 -4.24 -2.37 -5.17
N VAL B 225 -3.62 -1.40 -4.50
CA VAL B 225 -2.16 -1.35 -4.42
C VAL B 225 -1.64 -2.55 -3.62
N THR B 226 -2.22 -2.76 -2.45
CA THR B 226 -1.84 -3.88 -1.57
C THR B 226 -2.12 -5.24 -2.21
N ASN B 227 -3.26 -5.35 -2.88
CA ASN B 227 -3.65 -6.56 -3.65
C ASN B 227 -2.63 -6.88 -4.73
N TYR B 228 -2.15 -5.84 -5.44
CA TYR B 228 -1.16 -6.06 -6.47
C TYR B 228 0.09 -6.69 -5.87
N PHE B 229 0.51 -6.19 -4.71
CA PHE B 229 1.67 -6.75 -4.02
C PHE B 229 1.44 -8.21 -3.55
N LEU B 230 0.37 -8.44 -2.82
CA LEU B 230 0.10 -9.80 -2.28
C LEU B 230 -0.08 -10.83 -3.37
N SER B 231 -0.71 -10.44 -4.47
CA SER B 231 -1.10 -11.37 -5.49
C SER B 231 0.00 -11.60 -6.51
N THR B 232 1.00 -10.72 -6.60
CA THR B 232 2.04 -10.83 -7.65
C THR B 232 3.49 -10.76 -7.20
N SER B 233 3.77 -10.25 -6.01
CA SER B 233 5.16 -10.16 -5.54
C SER B 233 5.76 -11.55 -5.35
N PRO B 234 6.97 -11.77 -5.88
CA PRO B 234 7.65 -13.07 -5.69
C PRO B 234 7.88 -13.43 -4.22
N THR B 235 8.05 -12.41 -3.37
CA THR B 235 8.15 -12.63 -1.91
C THR B 235 6.86 -13.16 -1.28
N SER B 236 5.71 -12.75 -1.83
CA SER B 236 4.41 -13.11 -1.26
C SER B 236 4.10 -14.60 -1.30
N HIS B 237 3.71 -15.15 -0.15
CA HIS B 237 3.38 -16.57 -0.04
C HIS B 237 1.99 -16.92 -0.60
N PHE B 238 1.17 -15.90 -0.91
CA PHE B 238 -0.10 -16.12 -1.62
C PHE B 238 0.09 -16.63 -3.05
N LEU B 239 1.32 -16.48 -3.55
CA LEU B 239 1.66 -16.92 -4.89
C LEU B 239 2.22 -18.35 -4.88
N SER B 240 2.93 -18.70 -3.81
CA SER B 240 3.69 -19.96 -3.78
C SER B 240 3.02 -21.13 -3.07
N SER B 241 2.09 -20.89 -2.16
CA SER B 241 1.39 -22.02 -1.54
C SER B 241 -0.12 -22.08 -1.85
N VAL B 242 -0.72 -23.20 -1.50
CA VAL B 242 -2.16 -23.34 -1.59
C VAL B 242 -2.68 -23.16 -0.19
N ILE B 243 -3.57 -22.19 -0.02
CA ILE B 243 -4.15 -21.90 1.28
C ILE B 243 -5.65 -21.67 1.13
N ALA B 244 -6.42 -22.24 2.04
CA ALA B 244 -7.87 -22.16 1.94
C ALA B 244 -8.53 -22.34 3.27
N ALA B 245 -9.78 -21.89 3.36
CA ALA B 245 -10.55 -22.03 4.59
C ALA B 245 -12.05 -21.86 4.32
N ARG B 246 -12.86 -22.48 5.16
CA ARG B 246 -14.30 -22.29 5.13
C ARG B 246 -14.84 -22.59 6.50
N ALA B 247 -15.77 -21.76 6.96
CA ALA B 247 -16.45 -21.97 8.22
C ALA B 247 -17.64 -22.90 7.98
N ALA B 248 -18.04 -23.63 9.02
CA ALA B 248 -19.24 -24.46 8.99
C ALA B 248 -19.92 -24.33 10.36
N PRO B 249 -21.15 -24.85 10.51
CA PRO B 249 -21.86 -24.51 11.75
C PRO B 249 -21.15 -24.95 13.03
N ASP B 250 -20.58 -26.16 13.01
CA ASP B 250 -19.97 -26.74 14.20
C ASP B 250 -18.45 -26.92 14.08
N ARG B 251 -17.83 -26.27 13.08
CA ARG B 251 -16.39 -26.47 12.80
C ARG B 251 -15.83 -25.45 11.80
N ARG B 252 -14.50 -25.40 11.70
CA ARG B 252 -13.80 -24.69 10.63
C ARG B 252 -12.87 -25.64 9.87
N TYR B 253 -12.85 -25.51 8.55
CA TYR B 253 -11.87 -26.21 7.70
C TYR B 253 -10.75 -25.25 7.33
N ALA B 254 -9.50 -25.70 7.44
CA ALA B 254 -8.36 -24.87 7.06
C ALA B 254 -7.32 -25.73 6.40
N LEU B 255 -6.72 -25.20 5.35
CA LEU B 255 -5.74 -25.93 4.57
C LEU B 255 -4.54 -25.07 4.27
N ARG B 256 -3.36 -25.64 4.50
CA ARG B 256 -2.10 -24.97 4.17
C ARG B 256 -1.21 -26.01 3.50
N GLY B 257 -0.97 -25.84 2.22
CA GLY B 257 -0.20 -26.79 1.44
C GLY B 257 -0.88 -28.15 1.41
N ASN B 258 -0.21 -29.17 1.97
CA ASN B 258 -0.72 -30.54 1.99
C ASN B 258 -1.32 -30.95 3.34
N ARG B 259 -1.61 -29.97 4.20
CA ARG B 259 -2.15 -30.25 5.50
C ARG B 259 -3.54 -29.67 5.62
N LEU B 260 -4.50 -30.56 5.80
CA LEU B 260 -5.88 -30.18 6.09
C LEU B 260 -6.09 -30.25 7.59
N SER B 261 -6.70 -29.20 8.17
CA SER B 261 -7.09 -29.20 9.58
C SER B 261 -8.58 -28.97 9.69
N ILE B 262 -9.26 -29.80 10.49
CA ILE B 262 -10.68 -29.59 10.78
C ILE B 262 -10.80 -29.25 12.26
N HIS B 263 -11.14 -27.99 12.54
CA HIS B 263 -11.22 -27.49 13.91
C HIS B 263 -12.68 -27.57 14.39
N HIS B 264 -12.99 -28.60 15.17
CA HIS B 264 -14.35 -28.79 15.70
C HIS B 264 -14.63 -27.78 16.80
N LEU B 265 -15.80 -27.16 16.76
CA LEU B 265 -16.15 -26.11 17.71
C LEU B 265 -16.18 -26.69 19.13
N GLY B 266 -15.40 -26.09 20.02
CA GLY B 266 -15.24 -26.58 21.38
C GLY B 266 -14.80 -28.03 21.43
N GLY B 267 -13.87 -28.41 20.55
CA GLY B 267 -13.47 -29.81 20.43
C GLY B 267 -12.08 -30.02 19.87
N ARG B 268 -11.87 -31.20 19.29
CA ARG B 268 -10.57 -31.62 18.76
C ARG B 268 -10.28 -30.98 17.39
N THR B 269 -9.01 -31.01 17.00
CA THR B 269 -8.59 -30.66 15.66
C THR B 269 -8.06 -31.92 14.95
N GLU B 270 -8.81 -32.38 13.95
CA GLU B 270 -8.32 -33.48 13.09
C GLU B 270 -7.37 -32.91 12.05
N GLN B 271 -6.20 -33.53 11.91
CA GLN B 271 -5.25 -33.13 10.88
C GLN B 271 -4.94 -34.26 9.91
N THR B 272 -4.88 -33.93 8.62
CA THR B 272 -4.65 -34.91 7.57
C THR B 272 -3.53 -34.44 6.66
N GLU B 273 -2.62 -35.37 6.33
CA GLU B 273 -1.61 -35.12 5.31
C GLU B 273 -2.20 -35.55 3.98
N ILE B 274 -2.08 -34.71 2.96
CA ILE B 274 -2.65 -34.99 1.67
C ILE B 274 -1.52 -35.46 0.77
N ALA B 275 -1.66 -36.66 0.23
CA ALA B 275 -0.55 -37.39 -0.36
C ALA B 275 -0.21 -36.95 -1.77
N THR B 276 -1.21 -36.52 -2.53
CA THR B 276 -0.98 -36.22 -3.95
C THR B 276 -1.70 -34.94 -4.43
N ALA B 277 -1.22 -34.43 -5.56
CA ALA B 277 -1.79 -33.25 -6.22
C ALA B 277 -3.26 -33.50 -6.56
N ALA B 278 -3.58 -34.69 -7.02
CA ALA B 278 -4.95 -35.09 -7.33
C ALA B 278 -5.87 -35.06 -6.11
N ASP B 279 -5.40 -35.61 -4.99
CA ASP B 279 -6.17 -35.63 -3.75
C ASP B 279 -6.31 -34.21 -3.17
N LEU B 280 -5.29 -33.38 -3.37
CA LEU B 280 -5.36 -31.98 -2.95
C LEU B 280 -6.51 -31.27 -3.68
N ALA B 281 -6.55 -31.44 -5.00
CA ALA B 281 -7.60 -30.87 -5.83
C ALA B 281 -8.97 -31.46 -5.48
N ASP B 282 -9.02 -32.74 -5.15
CA ASP B 282 -10.25 -33.37 -4.68
C ASP B 282 -10.72 -32.76 -3.37
N THR B 283 -9.82 -32.58 -2.41
CA THR B 283 -10.17 -32.01 -1.10
C THR B 283 -10.70 -30.57 -1.24
N LEU B 284 -10.02 -29.78 -2.07
CA LEU B 284 -10.47 -28.42 -2.34
C LEU B 284 -11.85 -28.42 -2.98
N GLN B 285 -12.03 -29.20 -4.04
CA GLN B 285 -13.27 -29.17 -4.82
C GLN B 285 -14.43 -29.86 -4.13
N GLY B 286 -14.14 -30.96 -3.46
CA GLY B 286 -15.19 -31.71 -2.77
C GLY B 286 -15.47 -31.07 -1.44
N LEU B 287 -14.65 -31.43 -0.45
CA LEU B 287 -14.85 -31.01 0.94
C LEU B 287 -14.98 -29.50 1.12
N LEU B 288 -14.07 -28.71 0.55
CA LEU B 288 -14.09 -27.26 0.78
C LEU B 288 -14.98 -26.47 -0.21
N GLY B 289 -15.54 -27.12 -1.23
CA GLY B 289 -16.43 -26.46 -2.18
C GLY B 289 -15.76 -25.35 -2.98
N ILE B 290 -14.48 -25.54 -3.27
CA ILE B 290 -13.71 -24.58 -4.03
C ILE B 290 -13.68 -25.02 -5.51
N ILE B 291 -13.77 -24.06 -6.41
CA ILE B 291 -13.74 -24.36 -7.85
C ILE B 291 -12.38 -24.00 -8.41
N ILE B 292 -11.75 -24.94 -9.10
CA ILE B 292 -10.44 -24.74 -9.69
C ILE B 292 -10.63 -24.61 -11.20
N PRO B 293 -10.42 -23.41 -11.75
CA PRO B 293 -10.66 -23.20 -13.20
C PRO B 293 -9.86 -24.09 -14.15
N ASP B 294 -8.59 -24.30 -13.84
CA ASP B 294 -7.70 -25.08 -14.69
C ASP B 294 -7.01 -26.12 -13.80
N ARG B 295 -7.64 -27.28 -13.67
CA ARG B 295 -7.18 -28.28 -12.73
C ARG B 295 -5.81 -28.82 -13.14
N THR B 296 -5.58 -28.91 -14.45
CA THR B 296 -4.32 -29.41 -14.97
C THR B 296 -3.17 -28.50 -14.57
N ALA B 297 -3.30 -27.20 -14.83
CA ALA B 297 -2.28 -26.23 -14.44
C ALA B 297 -2.12 -26.19 -12.92
N PHE B 298 -3.23 -26.34 -12.19
CA PHE B 298 -3.16 -26.40 -10.75
C PHE B 298 -2.32 -27.59 -10.30
N GLU B 299 -2.71 -28.79 -10.72
CA GLU B 299 -2.02 -30.02 -10.32
C GLU B 299 -0.56 -29.96 -10.73
N ALA B 300 -0.31 -29.44 -11.93
CA ALA B 300 1.04 -29.32 -12.45
C ALA B 300 1.91 -28.47 -11.54
N LYS B 301 1.40 -27.33 -11.10
CA LYS B 301 2.16 -26.44 -10.24
C LYS B 301 2.37 -27.05 -8.85
N VAL B 302 1.36 -27.75 -8.35
CA VAL B 302 1.49 -28.45 -7.08
C VAL B 302 2.66 -29.47 -7.14
N ARG B 303 2.68 -30.27 -8.20
CA ARG B 303 3.75 -31.25 -8.40
C ARG B 303 5.11 -30.58 -8.58
N GLU B 304 5.17 -29.54 -9.41
CA GLU B 304 6.40 -28.79 -9.64
C GLU B 304 7.02 -28.28 -8.34
N THR B 305 6.22 -27.59 -7.54
CA THR B 305 6.73 -26.83 -6.40
C THR B 305 6.86 -27.64 -5.09
N LYS B 306 6.66 -28.95 -5.17
CA LYS B 306 6.94 -29.84 -4.04
C LYS B 306 5.94 -29.69 -2.90
N ILE B 307 4.77 -29.11 -3.17
CA ILE B 307 3.75 -28.91 -2.15
C ILE B 307 3.26 -30.28 -1.70
N VAL B 308 3.26 -31.23 -2.65
CA VAL B 308 2.93 -32.66 -2.48
C VAL B 308 1.88 -32.97 -1.43
#